data_1JBR
#
_entry.id   1JBR
#
_cell.length_a   60.4
_cell.length_b   109.7
_cell.length_c   40.0
_cell.angle_alpha   90.0
_cell.angle_beta   97.8
_cell.angle_gamma   90.0
#
_symmetry.space_group_name_H-M   'P 1 21 1'
#
loop_
_entity.id
_entity.type
_entity.pdbx_description
1 polymer "5'-R(*GP*CP*GP*CP*UP*CP*CP*UP*CP*AP*GP*UP*AP*CP*GP*AP*GP*(A23))-3'"
2 polymer "5'-R(*GP*GP*AP*AP*CP*CP*GP*GP*AP*GP*CP*GP*C)-3'"
3 polymer '31-mer SRD RNA analog'
4 polymer Restrictocin
5 non-polymer 'POTASSIUM ION'
6 water water
#
loop_
_entity_poly.entity_id
_entity_poly.type
_entity_poly.pdbx_seq_one_letter_code
_entity_poly.pdbx_strand_id
1 'polyribonucleotide' GCGCUCCUCAGUACGAG(A23) C
2 'polyribonucleotide' GGAACCGGAGCGC F
3 'polyribonucleotide' GCGCUCCUCAGUACGAGAGGAACCGGAGCGC D
4 'polypeptide(L)'
;ATWTCINQQLNPKTNKWEDKRLLYSQAKAESNSHHAPLSDGKTGSSYPHWFTNGYDGNGKLIKGRTPIKFGKADCDRPPK
HSQNGMGKDDHYLLEFPTFPDGHDYKFDSKKPKEDPGPARVIYTYPNKVFCGIVAHQRGNQGDLRLCSH
;
A,B
#
loop_
_chem_comp.id
_chem_comp.type
_chem_comp.name
_chem_comp.formula
A RNA linking ADENOSINE-5'-MONOPHOSPHATE 'C10 H14 N5 O7 P'
A23 RNA linking 'ADENOSINE-5'-PHOSPHATE-2',3'-CYCLIC PHOSPHATE' 'C10 H13 N5 O9 P2'
C RNA linking CYTIDINE-5'-MONOPHOSPHATE 'C9 H14 N3 O8 P'
G RNA linking GUANOSINE-5'-MONOPHOSPHATE 'C10 H14 N5 O8 P'
K non-polymer 'POTASSIUM ION' 'K 1'
U RNA linking URIDINE-5'-MONOPHOSPHATE 'C9 H13 N2 O9 P'
#
# COMPACT_ATOMS: atom_id res chain seq x y z
PC A23 A 18 -11.70 -33.20 22.44
O1C A23 A 18 -12.48 -32.17 23.15
O2C A23 A 18 -10.28 -32.84 22.27
P A23 A 18 -14.50 -35.40 16.69
OP1 A23 A 18 -15.86 -34.85 16.39
OP2 A23 A 18 -13.30 -34.74 16.14
O5' A23 A 18 -14.30 -35.49 18.28
C5' A23 A 18 -15.05 -34.62 19.17
C4' A23 A 18 -14.36 -34.47 20.51
O4' A23 A 18 -15.05 -35.14 21.58
C3' A23 A 18 -12.87 -34.71 20.67
O3' A23 A 18 -12.28 -33.46 20.97
C2' A23 A 18 -12.69 -35.48 21.98
O2' A23 A 18 -11.98 -34.71 22.95
C1' A23 A 18 -14.13 -35.77 22.45
N9 A23 A 18 -14.52 -37.18 22.52
C8 A23 A 18 -13.87 -38.32 22.09
N7 A23 A 18 -14.62 -39.39 22.13
C5 A23 A 18 -15.83 -38.94 22.67
C6 A23 A 18 -17.03 -39.58 22.96
N6 A23 A 18 -17.26 -40.87 22.73
N1 A23 A 18 -18.02 -38.83 23.50
C2 A23 A 18 -17.81 -37.53 23.72
N3 A23 A 18 -16.72 -36.81 23.47
C4 A23 A 18 -15.75 -37.59 22.94
N ALA D 1 -6.18 -46.30 44.88
CA ALA D 1 -6.18 -47.10 43.63
C ALA D 1 -5.21 -46.51 42.60
N THR D 2 -4.60 -47.37 41.81
CA THR D 2 -3.67 -46.92 40.80
C THR D 2 -4.18 -47.33 39.44
N TRP D 3 -4.28 -46.38 38.50
CA TRP D 3 -4.76 -46.74 37.18
C TRP D 3 -3.64 -46.62 36.18
N THR D 4 -3.59 -47.57 35.25
CA THR D 4 -2.59 -47.58 34.21
C THR D 4 -3.19 -47.36 32.84
N CYS D 5 -2.60 -46.42 32.10
CA CYS D 5 -3.08 -46.15 30.76
C CYS D 5 -1.94 -46.38 29.80
N ILE D 6 -2.26 -46.81 28.59
CA ILE D 6 -1.29 -47.06 27.54
C ILE D 6 -1.57 -46.02 26.49
N ASN D 7 -0.59 -45.18 26.18
CA ASN D 7 -0.78 -44.15 25.19
C ASN D 7 0.32 -44.21 24.15
N GLN D 8 -0.06 -44.19 22.88
CA GLN D 8 0.97 -44.25 21.85
C GLN D 8 1.51 -42.85 21.57
N GLN D 9 2.82 -42.72 21.63
CA GLN D 9 3.46 -41.44 21.40
C GLN D 9 4.54 -41.52 20.33
N LEU D 10 4.53 -40.55 19.43
CA LEU D 10 5.47 -40.53 18.31
C LEU D 10 6.92 -40.22 18.68
N ASN D 11 7.84 -41.02 18.17
CA ASN D 11 9.26 -40.83 18.43
C ASN D 11 9.81 -40.00 17.28
N PRO D 12 10.36 -38.81 17.57
CA PRO D 12 10.91 -37.97 16.50
C PRO D 12 12.16 -38.51 15.81
N LYS D 13 12.79 -39.50 16.42
CA LYS D 13 14.00 -40.08 15.85
C LYS D 13 13.67 -41.21 14.90
N THR D 14 13.06 -42.25 15.46
CA THR D 14 12.69 -43.46 14.72
C THR D 14 11.47 -43.21 13.85
N ASN D 15 10.73 -42.20 14.27
CA ASN D 15 9.50 -41.78 13.65
C ASN D 15 8.45 -42.86 13.74
N LYS D 16 8.60 -43.74 14.74
CA LYS D 16 7.63 -44.80 14.96
C LYS D 16 6.79 -44.46 16.20
N TRP D 17 5.53 -44.88 16.21
CA TRP D 17 4.63 -44.64 17.34
C TRP D 17 4.95 -45.67 18.41
N GLU D 18 5.39 -45.24 19.59
CA GLU D 18 5.74 -46.18 20.66
C GLU D 18 4.78 -46.17 21.84
N ASP D 19 4.67 -47.33 22.51
CA ASP D 19 3.78 -47.44 23.66
C ASP D 19 4.35 -46.74 24.88
N LYS D 20 3.50 -46.00 25.58
CA LYS D 20 3.92 -45.32 26.79
C LYS D 20 2.93 -45.68 27.87
N ARG D 21 3.45 -46.13 29.01
CA ARG D 21 2.64 -46.53 30.14
C ARG D 21 2.55 -45.34 31.07
N LEU D 22 1.35 -45.10 31.61
CA LEU D 22 1.11 -43.94 32.49
C LEU D 22 0.26 -44.30 33.70
N LEU D 23 0.79 -43.99 34.87
CA LEU D 23 0.12 -44.29 36.13
C LEU D 23 -0.57 -43.07 36.73
N TYR D 24 -1.80 -43.25 37.22
CA TYR D 24 -2.56 -42.16 37.83
C TYR D 24 -3.18 -42.60 39.14
N SER D 25 -3.17 -41.71 40.12
CA SER D 25 -3.77 -41.98 41.43
C SER D 25 -5.27 -41.66 41.26
N GLN D 26 -6.13 -42.55 41.74
CA GLN D 26 -7.56 -42.31 41.59
C GLN D 26 -8.00 -41.14 42.45
N ALA D 27 -7.45 -41.06 43.66
CA ALA D 27 -7.81 -39.97 44.57
C ALA D 27 -7.54 -38.63 43.89
N LYS D 28 -6.35 -38.49 43.33
CA LYS D 28 -5.98 -37.25 42.66
C LYS D 28 -6.94 -36.95 41.52
N ALA D 29 -7.29 -37.99 40.75
CA ALA D 29 -8.20 -37.86 39.62
C ALA D 29 -9.60 -37.40 40.06
N GLU D 30 -10.07 -37.91 41.19
CA GLU D 30 -11.38 -37.53 41.68
C GLU D 30 -11.28 -36.08 42.14
N SER D 31 -10.15 -35.77 42.79
CA SER D 31 -9.90 -34.42 43.28
C SER D 31 -9.91 -33.47 42.09
N ASN D 32 -9.35 -33.92 40.99
CA ASN D 32 -9.32 -33.12 39.78
C ASN D 32 -10.76 -32.79 39.37
N SER D 33 -11.66 -33.79 39.40
CA SER D 33 -13.03 -33.54 39.01
C SER D 33 -13.81 -32.70 40.03
N HIS D 34 -13.44 -32.80 41.31
CA HIS D 34 -14.10 -31.99 42.33
C HIS D 34 -13.78 -30.51 42.10
N HIS D 35 -12.50 -30.20 41.87
CA HIS D 35 -12.09 -28.82 41.67
C HIS D 35 -12.50 -28.24 40.34
N ALA D 36 -12.79 -29.09 39.37
CA ALA D 36 -13.21 -28.57 38.07
C ALA D 36 -14.63 -28.04 38.27
N PRO D 37 -15.01 -26.97 37.55
CA PRO D 37 -16.36 -26.42 37.71
C PRO D 37 -17.40 -27.39 37.12
N LEU D 38 -18.67 -27.21 37.50
CA LEU D 38 -19.73 -28.08 37.02
C LEU D 38 -20.52 -27.50 35.86
N SER D 39 -19.84 -27.30 34.74
CA SER D 39 -20.48 -26.80 33.54
C SER D 39 -20.03 -27.69 32.37
N ASP D 40 -20.78 -27.65 31.27
CA ASP D 40 -20.45 -28.45 30.11
C ASP D 40 -19.78 -27.65 29.01
N GLY D 41 -18.44 -27.63 29.02
CA GLY D 41 -17.72 -26.89 28.00
C GLY D 41 -18.01 -25.40 27.94
N LYS D 42 -17.96 -24.71 29.08
CA LYS D 42 -18.23 -23.28 29.09
C LYS D 42 -17.06 -22.54 29.70
N THR D 43 -15.91 -23.20 29.74
CA THR D 43 -14.70 -22.62 30.28
C THR D 43 -13.88 -22.15 29.08
N GLY D 44 -12.81 -21.42 29.34
CA GLY D 44 -11.98 -20.94 28.25
C GLY D 44 -11.34 -22.09 27.52
N SER D 45 -11.08 -23.18 28.24
CA SER D 45 -10.44 -24.35 27.66
C SER D 45 -11.42 -25.32 26.99
N SER D 46 -12.69 -25.22 27.39
CA SER D 46 -13.78 -26.06 26.90
C SER D 46 -13.91 -27.31 27.76
N TYR D 47 -13.05 -27.41 28.76
CA TYR D 47 -13.04 -28.53 29.70
C TYR D 47 -13.54 -28.05 31.06
N PRO D 48 -14.39 -28.84 31.73
CA PRO D 48 -14.86 -30.14 31.22
C PRO D 48 -16.06 -30.00 30.27
N HIS D 49 -16.38 -31.10 29.61
CA HIS D 49 -17.51 -31.14 28.71
C HIS D 49 -18.00 -32.56 28.59
N TRP D 50 -19.06 -32.70 27.81
CA TRP D 50 -19.75 -33.95 27.60
C TRP D 50 -19.02 -35.05 26.86
N PHE D 51 -18.94 -36.20 27.53
CA PHE D 51 -18.33 -37.41 27.02
C PHE D 51 -19.52 -38.31 26.64
N THR D 52 -19.91 -38.27 25.38
CA THR D 52 -21.06 -39.03 24.88
C THR D 52 -21.02 -40.53 25.19
N ASN D 53 -19.83 -41.12 25.13
CA ASN D 53 -19.65 -42.55 25.38
C ASN D 53 -20.44 -43.33 24.33
N GLY D 54 -20.58 -42.72 23.15
CA GLY D 54 -21.28 -43.34 22.05
C GLY D 54 -22.77 -43.10 21.94
N TYR D 55 -23.34 -42.26 22.80
CA TYR D 55 -24.77 -41.98 22.77
C TYR D 55 -25.10 -40.56 22.30
N ASP D 56 -26.38 -40.32 22.06
CA ASP D 56 -26.85 -39.00 21.68
C ASP D 56 -27.58 -38.43 22.90
N GLY D 57 -28.06 -37.20 22.80
CA GLY D 57 -28.74 -36.58 23.92
C GLY D 57 -29.94 -37.32 24.47
N ASN D 58 -30.57 -38.19 23.68
CA ASN D 58 -31.76 -38.90 24.15
C ASN D 58 -31.50 -40.27 24.78
N GLY D 59 -30.25 -40.61 25.04
CA GLY D 59 -29.95 -41.90 25.65
C GLY D 59 -30.07 -43.09 24.72
N LYS D 60 -29.99 -42.87 23.42
CA LYS D 60 -30.09 -43.95 22.44
C LYS D 60 -28.73 -44.15 21.73
N LEU D 61 -28.32 -45.40 21.59
CA LEU D 61 -27.06 -45.72 20.94
C LEU D 61 -26.88 -44.97 19.63
N ILE D 62 -25.64 -44.85 19.18
CA ILE D 62 -25.39 -44.13 17.93
C ILE D 62 -25.28 -45.02 16.71
N LYS D 63 -25.17 -46.33 16.93
CA LYS D 63 -25.04 -47.30 15.82
C LYS D 63 -23.67 -47.22 15.19
N GLY D 64 -22.84 -48.21 15.48
CA GLY D 64 -21.50 -48.23 14.95
C GLY D 64 -20.53 -47.99 16.10
N ARG D 65 -21.06 -47.52 17.21
CA ARG D 65 -20.23 -47.25 18.36
C ARG D 65 -20.53 -48.16 19.53
N THR D 66 -19.50 -48.44 20.31
CA THR D 66 -19.63 -49.30 21.48
C THR D 66 -19.29 -48.49 22.72
N PRO D 67 -20.28 -48.24 23.59
CA PRO D 67 -20.02 -47.46 24.80
C PRO D 67 -19.05 -48.15 25.73
N ILE D 68 -18.28 -47.35 26.46
CA ILE D 68 -17.34 -47.90 27.41
C ILE D 68 -18.17 -48.34 28.60
N LYS D 69 -17.82 -49.48 29.16
CA LYS D 69 -18.53 -49.99 30.33
C LYS D 69 -17.68 -49.62 31.55
N PHE D 70 -18.24 -48.79 32.42
CA PHE D 70 -17.51 -48.37 33.61
C PHE D 70 -17.78 -49.31 34.78
N GLY D 71 -18.80 -50.14 34.63
CA GLY D 71 -19.12 -51.09 35.69
C GLY D 71 -19.94 -50.50 36.82
N LYS D 72 -20.44 -49.28 36.61
CA LYS D 72 -21.25 -48.61 37.62
C LYS D 72 -22.54 -48.12 36.96
N ALA D 73 -23.63 -48.20 37.71
CA ALA D 73 -24.96 -47.81 37.23
C ALA D 73 -25.09 -46.38 36.72
N ASP D 74 -24.85 -45.40 37.59
CA ASP D 74 -24.96 -43.99 37.21
C ASP D 74 -24.13 -43.70 35.96
N CYS D 75 -22.99 -44.37 35.88
CA CYS D 75 -22.05 -44.18 34.77
C CYS D 75 -22.45 -44.85 33.45
N ASP D 76 -22.93 -46.08 33.51
CA ASP D 76 -23.32 -46.82 32.31
C ASP D 76 -24.75 -46.49 31.87
N ARG D 77 -25.42 -45.66 32.65
CA ARG D 77 -26.80 -45.25 32.35
C ARG D 77 -26.81 -44.31 31.14
N PRO D 78 -27.50 -44.71 30.05
CA PRO D 78 -27.56 -43.86 28.85
C PRO D 78 -27.84 -42.40 29.23
N PRO D 79 -27.12 -41.45 28.60
CA PRO D 79 -27.25 -40.02 28.85
C PRO D 79 -28.54 -39.27 28.49
N LYS D 80 -28.76 -38.18 29.21
CA LYS D 80 -29.88 -37.26 28.99
C LYS D 80 -29.18 -35.90 29.04
N HIS D 81 -28.81 -35.41 27.86
CA HIS D 81 -28.08 -34.14 27.71
C HIS D 81 -28.77 -33.19 26.74
N SER D 82 -29.11 -32.00 27.23
CA SER D 82 -29.77 -30.97 26.43
C SER D 82 -28.80 -30.12 25.61
N GLN D 83 -29.36 -29.15 24.89
CA GLN D 83 -28.63 -28.23 24.02
C GLN D 83 -27.30 -27.71 24.57
N ASN D 84 -27.26 -27.48 25.87
CA ASN D 84 -26.07 -26.93 26.53
C ASN D 84 -25.75 -27.67 27.82
N GLY D 85 -26.26 -28.91 27.89
CA GLY D 85 -26.02 -29.74 29.07
C GLY D 85 -26.40 -29.09 30.37
N MET D 86 -27.49 -28.33 30.38
CA MET D 86 -27.91 -27.67 31.60
C MET D 86 -29.37 -27.97 31.93
N GLY D 87 -29.92 -28.96 31.25
CA GLY D 87 -31.31 -29.35 31.49
C GLY D 87 -31.51 -29.61 32.96
N LYS D 88 -32.70 -29.30 33.46
CA LYS D 88 -33.01 -29.49 34.87
C LYS D 88 -33.08 -30.98 35.26
N ASP D 89 -33.28 -31.83 34.26
CA ASP D 89 -33.34 -33.27 34.49
C ASP D 89 -32.22 -33.99 33.75
N ASP D 90 -31.27 -33.22 33.23
CA ASP D 90 -30.13 -33.78 32.51
C ASP D 90 -29.19 -34.61 33.39
N HIS D 91 -28.67 -35.68 32.80
CA HIS D 91 -27.73 -36.53 33.50
C HIS D 91 -26.86 -37.10 32.41
N TYR D 92 -25.55 -36.98 32.59
CA TYR D 92 -24.63 -37.48 31.58
C TYR D 92 -23.21 -37.57 32.10
N LEU D 93 -22.27 -37.82 31.20
CA LEU D 93 -20.88 -37.95 31.58
C LEU D 93 -20.03 -36.75 31.16
N LEU D 94 -19.07 -36.43 32.02
CA LEU D 94 -18.14 -35.33 31.79
C LEU D 94 -16.74 -35.90 31.68
N GLU D 95 -15.89 -35.23 30.91
CA GLU D 95 -14.51 -35.67 30.79
C GLU D 95 -13.69 -34.46 31.17
N PHE D 96 -12.58 -34.67 31.85
CA PHE D 96 -11.72 -33.58 32.24
C PHE D 96 -10.32 -34.15 32.23
N PRO D 97 -9.33 -33.35 31.79
CA PRO D 97 -7.95 -33.83 31.75
C PRO D 97 -7.39 -34.20 33.12
N THR D 98 -6.65 -35.29 33.16
CA THR D 98 -6.02 -35.73 34.40
C THR D 98 -4.62 -36.20 33.99
N PHE D 99 -3.64 -36.00 34.86
CA PHE D 99 -2.27 -36.36 34.55
C PHE D 99 -1.68 -37.20 35.68
N PRO D 100 -0.52 -37.84 35.44
CA PRO D 100 0.15 -38.66 36.44
C PRO D 100 0.57 -37.86 37.68
N ASP D 101 1.02 -36.62 37.50
CA ASP D 101 1.41 -35.81 38.64
C ASP D 101 0.18 -35.33 39.42
N GLY D 102 -1.00 -35.54 38.84
CA GLY D 102 -2.24 -35.18 39.48
C GLY D 102 -2.58 -33.70 39.62
N HIS D 103 -1.83 -32.81 38.97
CA HIS D 103 -2.13 -31.40 39.08
C HIS D 103 -3.48 -31.02 38.46
N ASP D 104 -4.07 -29.91 38.92
CA ASP D 104 -5.35 -29.46 38.36
C ASP D 104 -5.10 -28.77 37.02
N TYR D 105 -5.81 -29.23 36.00
CA TYR D 105 -5.72 -28.68 34.66
C TYR D 105 -6.26 -27.26 34.70
N LYS D 106 -5.57 -26.33 34.04
CA LYS D 106 -6.05 -24.95 34.04
C LYS D 106 -7.21 -24.79 33.08
N PHE D 107 -8.41 -25.12 33.55
CA PHE D 107 -9.62 -25.04 32.72
C PHE D 107 -9.96 -23.71 32.05
N ASP D 108 -9.46 -22.60 32.59
CA ASP D 108 -9.73 -21.31 31.97
C ASP D 108 -8.61 -20.92 31.01
N SER D 109 -7.61 -21.77 30.86
CA SER D 109 -6.52 -21.47 29.94
C SER D 109 -7.11 -21.41 28.55
N LYS D 110 -6.52 -20.59 27.69
CA LYS D 110 -7.00 -20.45 26.34
C LYS D 110 -6.02 -19.69 25.47
N LYS D 111 -6.03 -19.99 24.17
CA LYS D 111 -5.16 -19.32 23.22
C LYS D 111 -3.77 -19.02 23.77
N PRO D 112 -2.99 -20.07 24.05
CA PRO D 112 -3.38 -21.47 23.86
C PRO D 112 -3.82 -22.07 25.21
N LYS D 113 -4.77 -22.98 25.19
CA LYS D 113 -5.20 -23.65 26.42
C LYS D 113 -4.05 -24.57 26.79
N GLU D 114 -3.97 -24.96 28.06
CA GLU D 114 -2.93 -25.88 28.48
C GLU D 114 -3.09 -27.21 27.74
N ASP D 115 -1.98 -27.90 27.49
CA ASP D 115 -2.04 -29.19 26.82
C ASP D 115 -2.85 -30.14 27.72
N PRO D 116 -3.93 -30.73 27.20
CA PRO D 116 -4.76 -31.65 27.98
C PRO D 116 -4.21 -33.07 28.09
N GLY D 117 -3.15 -33.38 27.35
CA GLY D 117 -2.57 -34.71 27.41
C GLY D 117 -3.52 -35.78 26.92
N PRO D 118 -3.16 -37.05 27.08
CA PRO D 118 -4.01 -38.16 26.62
C PRO D 118 -5.10 -38.67 27.56
N ALA D 119 -4.92 -38.51 28.87
CA ALA D 119 -5.87 -39.03 29.84
C ALA D 119 -6.98 -38.10 30.31
N ARG D 120 -8.13 -38.70 30.65
CA ARG D 120 -9.27 -37.93 31.12
C ARG D 120 -9.95 -38.62 32.31
N VAL D 121 -10.42 -37.83 33.26
CA VAL D 121 -11.14 -38.45 34.36
C VAL D 121 -12.61 -38.30 33.93
N ILE D 122 -13.35 -39.41 33.97
CA ILE D 122 -14.74 -39.40 33.55
C ILE D 122 -15.63 -39.50 34.76
N TYR D 123 -16.63 -38.65 34.84
CA TYR D 123 -17.52 -38.64 36.00
C TYR D 123 -18.89 -38.11 35.60
N THR D 124 -19.87 -38.29 36.47
CA THR D 124 -21.23 -37.87 36.20
C THR D 124 -21.63 -36.42 36.49
N TYR D 125 -22.63 -35.97 35.76
CA TYR D 125 -23.22 -34.66 35.95
C TYR D 125 -24.61 -35.06 36.46
N PRO D 126 -25.08 -34.44 37.55
CA PRO D 126 -24.42 -33.37 38.31
C PRO D 126 -23.80 -33.76 39.65
N ASN D 127 -23.72 -35.05 39.96
CA ASN D 127 -23.16 -35.46 41.24
C ASN D 127 -21.72 -35.96 41.24
N LYS D 128 -21.01 -35.71 40.15
CA LYS D 128 -19.61 -36.08 40.04
C LYS D 128 -19.24 -37.47 40.60
N VAL D 129 -20.04 -38.47 40.28
CA VAL D 129 -19.72 -39.82 40.73
C VAL D 129 -18.54 -40.23 39.84
N PHE D 130 -17.48 -40.78 40.46
CA PHE D 130 -16.32 -41.21 39.69
C PHE D 130 -16.66 -42.44 38.85
N CYS D 131 -16.36 -42.37 37.55
CA CYS D 131 -16.62 -43.46 36.63
C CYS D 131 -15.35 -44.20 36.21
N GLY D 132 -14.28 -43.45 35.99
CA GLY D 132 -13.02 -44.08 35.61
C GLY D 132 -12.08 -43.10 34.94
N ILE D 133 -10.96 -43.62 34.46
CA ILE D 133 -9.98 -42.84 33.75
C ILE D 133 -9.78 -43.53 32.42
N VAL D 134 -9.94 -42.75 31.36
CA VAL D 134 -9.79 -43.27 30.02
C VAL D 134 -8.64 -42.51 29.40
N ALA D 135 -8.24 -42.90 28.20
CA ALA D 135 -7.14 -42.24 27.55
C ALA D 135 -7.13 -42.57 26.07
N HIS D 136 -6.79 -41.59 25.26
CA HIS D 136 -6.74 -41.82 23.83
C HIS D 136 -5.71 -42.90 23.58
N GLN D 137 -6.04 -43.80 22.67
CA GLN D 137 -5.12 -44.89 22.35
C GLN D 137 -3.79 -44.36 21.79
N ARG D 138 -3.86 -43.38 20.91
CA ARG D 138 -2.66 -42.80 20.30
C ARG D 138 -2.72 -41.30 20.25
N GLY D 139 -1.66 -40.65 20.70
CA GLY D 139 -1.64 -39.20 20.70
C GLY D 139 -2.68 -38.69 21.66
N ASN D 140 -3.09 -37.45 21.47
CA ASN D 140 -4.10 -36.84 22.33
C ASN D 140 -5.44 -36.85 21.62
N GLN D 141 -5.58 -37.69 20.60
CA GLN D 141 -6.84 -37.75 19.87
C GLN D 141 -7.29 -39.15 19.50
N GLY D 142 -8.43 -39.23 18.83
CA GLY D 142 -8.96 -40.51 18.41
C GLY D 142 -9.71 -41.27 19.49
N ASP D 143 -9.74 -42.58 19.35
CA ASP D 143 -10.42 -43.49 20.27
C ASP D 143 -9.96 -43.38 21.74
N LEU D 144 -10.92 -43.28 22.66
CA LEU D 144 -10.66 -43.21 24.10
C LEU D 144 -10.89 -44.58 24.75
N ARG D 145 -9.86 -45.15 25.36
CA ARG D 145 -9.98 -46.46 25.99
C ARG D 145 -10.00 -46.39 27.51
N LEU D 146 -10.68 -47.36 28.12
CA LEU D 146 -10.73 -47.45 29.57
C LEU D 146 -9.37 -47.97 30.03
N CYS D 147 -8.81 -47.35 31.07
CA CYS D 147 -7.51 -47.77 31.56
C CYS D 147 -7.67 -48.88 32.60
N SER D 148 -6.56 -49.40 33.08
CA SER D 148 -6.56 -50.48 34.05
C SER D 148 -6.42 -50.01 35.48
N HIS D 149 -6.77 -50.87 36.43
CA HIS D 149 -6.64 -50.53 37.85
C HIS D 149 -6.82 -51.77 38.73
N ALA E 1 7.36 53.15 -38.04
CA ALA E 1 7.15 52.96 -36.58
C ALA E 1 6.16 51.84 -36.28
N THR E 2 5.36 51.47 -37.28
CA THR E 2 4.37 50.40 -37.11
C THR E 2 4.71 49.14 -37.89
N TRP E 3 4.96 48.07 -37.15
CA TRP E 3 5.30 46.79 -37.74
C TRP E 3 4.11 45.83 -37.86
N THR E 4 4.06 45.12 -38.97
CA THR E 4 2.97 44.16 -39.20
C THR E 4 3.53 42.75 -39.28
N CYS E 5 2.91 41.82 -38.56
CA CYS E 5 3.35 40.43 -38.58
C CYS E 5 2.21 39.53 -38.99
N ILE E 6 2.55 38.36 -39.54
CA ILE E 6 1.54 37.41 -39.92
C ILE E 6 1.77 36.14 -39.12
N ASN E 7 0.77 35.74 -38.36
CA ASN E 7 0.89 34.55 -37.55
C ASN E 7 -0.33 33.67 -37.71
N GLN E 8 -0.09 32.41 -38.07
CA GLN E 8 -1.19 31.49 -38.23
C GLN E 8 -1.64 31.01 -36.85
N GLN E 9 -2.95 31.03 -36.64
CA GLN E 9 -3.53 30.59 -35.37
C GLN E 9 -4.61 29.59 -35.68
N LEU E 10 -4.83 28.66 -34.76
CA LEU E 10 -5.82 27.61 -34.94
C LEU E 10 -7.19 27.99 -34.42
N ASN E 11 -8.18 27.90 -35.30
CA ASN E 11 -9.57 28.22 -34.99
C ASN E 11 -10.18 26.98 -34.34
N PRO E 12 -10.64 27.09 -33.09
CA PRO E 12 -11.24 25.93 -32.41
C PRO E 12 -12.31 25.23 -33.25
N LYS E 13 -13.09 26.01 -33.98
CA LYS E 13 -14.11 25.45 -34.84
C LYS E 13 -13.46 25.26 -36.20
N THR E 14 -13.08 24.01 -36.47
CA THR E 14 -12.42 23.56 -37.69
C THR E 14 -10.92 23.52 -37.41
N ASN E 15 -10.39 22.31 -37.20
CA ASN E 15 -8.97 22.18 -36.91
C ASN E 15 -8.08 22.78 -38.00
N LYS E 16 -8.46 23.94 -38.53
CA LYS E 16 -7.69 24.62 -39.57
C LYS E 16 -7.10 25.97 -39.13
N TRP E 17 -5.90 26.24 -39.62
CA TRP E 17 -5.15 27.45 -39.30
C TRP E 17 -5.52 28.64 -40.18
N GLU E 18 -5.68 29.80 -39.55
CA GLU E 18 -6.01 31.02 -40.25
C GLU E 18 -4.91 32.06 -40.06
N ASP E 19 -4.66 32.86 -41.10
CA ASP E 19 -3.62 33.89 -41.05
C ASP E 19 -4.11 35.14 -40.33
N LYS E 20 -3.60 35.39 -39.15
CA LYS E 20 -3.99 36.60 -38.41
C LYS E 20 -2.93 37.66 -38.68
N ARG E 21 -3.38 38.90 -38.85
CA ARG E 21 -2.47 40.01 -39.11
C ARG E 21 -2.43 40.90 -37.87
N LEU E 22 -1.25 41.04 -37.30
CA LEU E 22 -1.07 41.83 -36.09
C LEU E 22 -0.09 43.00 -36.35
N LEU E 23 -0.34 44.13 -35.66
CA LEU E 23 0.50 45.33 -35.78
C LEU E 23 1.20 45.60 -34.46
N TYR E 24 2.36 46.25 -34.53
CA TYR E 24 3.11 46.58 -33.32
C TYR E 24 3.79 47.94 -33.48
N SER E 25 3.93 48.66 -32.37
CA SER E 25 4.60 49.96 -32.37
C SER E 25 6.08 49.76 -32.03
N GLN E 26 6.98 50.32 -32.83
CA GLN E 26 8.40 50.18 -32.57
C GLN E 26 8.74 50.92 -31.29
N ALA E 27 8.11 52.07 -31.09
CA ALA E 27 8.35 52.85 -29.88
C ALA E 27 8.10 51.96 -28.69
N LYS E 28 6.93 51.32 -28.66
CA LYS E 28 6.59 50.44 -27.54
C LYS E 28 7.45 49.19 -27.47
N ALA E 29 7.71 48.56 -28.61
CA ALA E 29 8.54 47.36 -28.59
C ALA E 29 9.88 47.69 -27.93
N GLU E 30 10.48 48.81 -28.33
CA GLU E 30 11.76 49.23 -27.76
C GLU E 30 11.65 49.52 -26.26
N SER E 31 10.49 50.04 -25.84
CA SER E 31 10.24 50.35 -24.45
C SER E 31 10.21 49.04 -23.66
N ASN E 32 9.53 48.05 -24.21
CA ASN E 32 9.42 46.75 -23.57
C ASN E 32 10.82 46.27 -23.22
N SER E 33 11.71 46.31 -24.22
CA SER E 33 13.09 45.86 -24.05
C SER E 33 13.88 46.69 -23.05
N HIS E 34 13.50 47.94 -22.87
CA HIS E 34 14.19 48.79 -21.90
C HIS E 34 13.80 48.32 -20.51
N HIS E 35 12.49 48.22 -20.28
CA HIS E 35 11.97 47.78 -18.98
C HIS E 35 12.40 46.36 -18.63
N ALA E 36 12.81 45.60 -19.64
CA ALA E 36 13.23 44.22 -19.44
C ALA E 36 14.63 44.16 -18.86
N PRO E 37 14.93 43.14 -18.04
CA PRO E 37 16.28 43.03 -17.46
C PRO E 37 17.29 42.53 -18.49
N LEU E 38 18.47 43.14 -18.48
CA LEU E 38 19.55 42.79 -19.42
C LEU E 38 20.27 41.53 -18.96
N SER E 39 19.75 40.38 -19.35
CA SER E 39 20.33 39.09 -18.98
C SER E 39 19.83 37.98 -19.89
N ASP E 40 20.55 36.86 -19.89
CA ASP E 40 20.17 35.75 -20.73
C ASP E 40 19.48 34.64 -19.99
N GLY E 41 18.16 34.58 -20.15
CA GLY E 41 17.33 33.57 -19.52
C GLY E 41 17.43 33.30 -18.03
N LYS E 42 17.77 34.29 -17.22
CA LYS E 42 17.85 34.04 -15.79
C LYS E 42 16.44 33.95 -15.19
N THR E 43 15.61 34.93 -15.51
CA THR E 43 14.23 35.04 -15.04
C THR E 43 13.42 33.75 -14.93
N GLY E 44 12.30 33.84 -14.22
CA GLY E 44 11.43 32.69 -14.05
C GLY E 44 10.68 32.33 -15.32
N SER E 45 10.48 33.30 -16.22
CA SER E 45 9.78 33.07 -17.48
C SER E 45 10.74 32.69 -18.58
N SER E 46 12.04 32.77 -18.28
CA SER E 46 13.14 32.47 -19.20
C SER E 46 13.37 33.63 -20.19
N TYR E 47 12.58 34.68 -20.07
CA TYR E 47 12.71 35.86 -20.91
C TYR E 47 13.15 37.08 -20.09
N PRO E 48 14.01 37.93 -20.65
CA PRO E 48 14.57 37.81 -22.01
C PRO E 48 15.71 36.82 -22.09
N HIS E 49 15.95 36.24 -23.26
CA HIS E 49 17.06 35.31 -23.41
C HIS E 49 17.64 35.37 -24.82
N TRP E 50 18.71 34.61 -25.04
CA TRP E 50 19.40 34.58 -26.33
C TRP E 50 18.62 34.05 -27.53
N PHE E 51 18.70 34.80 -28.62
CA PHE E 51 18.06 34.45 -29.90
C PHE E 51 19.25 34.28 -30.84
N THR E 52 19.66 33.03 -31.04
CA THR E 52 20.81 32.71 -31.88
C THR E 52 20.73 33.31 -33.28
N ASN E 53 19.52 33.34 -33.82
CA ASN E 53 19.32 33.87 -35.16
C ASN E 53 19.96 32.87 -36.13
N GLY E 54 20.37 31.72 -35.60
CA GLY E 54 20.97 30.69 -36.43
C GLY E 54 22.47 30.41 -36.27
N TYR E 55 23.07 31.01 -35.25
CA TYR E 55 24.51 30.84 -34.99
C TYR E 55 24.73 30.08 -33.70
N ASP E 56 26.00 29.78 -33.42
CA ASP E 56 26.36 29.10 -32.18
C ASP E 56 27.02 30.17 -31.34
N GLY E 57 27.51 29.79 -30.16
CA GLY E 57 28.15 30.76 -29.30
C GLY E 57 29.48 31.30 -29.83
N ASN E 58 30.25 30.43 -30.48
CA ASN E 58 31.55 30.83 -31.03
C ASN E 58 31.38 31.82 -32.17
N GLY E 59 30.20 31.84 -32.77
CA GLY E 59 29.94 32.74 -33.87
C GLY E 59 29.66 31.94 -35.11
N LYS E 60 30.33 30.80 -35.27
CA LYS E 60 30.13 29.95 -36.43
C LYS E 60 28.65 29.78 -36.73
N LEU E 61 28.30 29.76 -38.01
CA LEU E 61 26.91 29.60 -38.42
C LEU E 61 26.55 28.12 -38.41
N ILE E 62 25.36 27.77 -37.96
CA ILE E 62 24.98 26.36 -37.94
C ILE E 62 24.33 25.89 -39.24
N LYS E 63 24.78 24.73 -39.70
CA LYS E 63 24.33 24.10 -40.94
C LYS E 63 22.83 24.20 -41.27
N GLY E 64 22.55 24.64 -42.50
CA GLY E 64 21.18 24.75 -42.97
C GLY E 64 20.37 25.90 -42.41
N ARG E 65 21.01 26.78 -41.67
CA ARG E 65 20.32 27.92 -41.06
C ARG E 65 20.55 29.23 -41.82
N THR E 66 19.46 29.95 -42.06
CA THR E 66 19.50 31.23 -42.77
C THR E 66 19.20 32.39 -41.83
N PRO E 67 20.23 33.00 -41.23
CA PRO E 67 20.07 34.12 -40.30
C PRO E 67 19.23 35.26 -40.89
N ILE E 68 18.27 35.77 -40.11
CA ILE E 68 17.42 36.87 -40.57
C ILE E 68 18.27 38.13 -40.77
N LYS E 69 17.90 38.96 -41.73
CA LYS E 69 18.66 40.19 -41.97
C LYS E 69 17.91 41.42 -41.47
N PHE E 70 18.32 41.92 -40.32
CA PHE E 70 17.69 43.09 -39.70
C PHE E 70 18.01 44.38 -40.44
N GLY E 71 19.29 44.57 -40.75
CA GLY E 71 19.69 45.78 -41.46
C GLY E 71 20.63 46.69 -40.70
N LYS E 72 21.33 46.12 -39.72
CA LYS E 72 22.29 46.88 -38.92
C LYS E 72 23.48 45.96 -38.74
N ALA E 73 24.68 46.55 -38.69
CA ALA E 73 25.89 45.76 -38.51
C ALA E 73 25.88 45.19 -37.12
N ASP E 74 25.58 46.05 -36.15
CA ASP E 74 25.53 45.66 -34.75
C ASP E 74 24.65 44.43 -34.60
N CYS E 75 23.54 44.41 -35.33
CA CYS E 75 22.60 43.31 -35.29
C CYS E 75 23.05 42.14 -36.15
N ASP E 76 23.17 42.36 -37.45
CA ASP E 76 23.61 41.31 -38.37
C ASP E 76 25.11 41.19 -38.21
N ARG E 77 25.53 40.33 -37.31
CA ARG E 77 26.95 40.13 -37.03
C ARG E 77 27.09 38.92 -36.12
N PRO E 78 27.92 37.95 -36.53
CA PRO E 78 28.14 36.75 -35.73
C PRO E 78 28.21 37.01 -34.23
N PRO E 79 27.52 36.18 -33.45
CA PRO E 79 27.46 36.26 -31.99
C PRO E 79 28.71 35.86 -31.22
N LYS E 80 28.84 36.48 -30.06
CA LYS E 80 29.93 36.24 -29.12
C LYS E 80 29.16 35.76 -27.90
N HIS E 81 28.74 34.49 -27.91
CA HIS E 81 27.96 33.98 -26.79
C HIS E 81 28.66 32.88 -25.99
N SER E 82 28.80 33.13 -24.70
CA SER E 82 29.41 32.18 -23.77
C SER E 82 28.28 31.31 -23.21
N GLN E 83 28.65 30.24 -22.50
CA GLN E 83 27.66 29.33 -21.93
C GLN E 83 26.43 30.04 -21.36
N ASN E 84 26.68 31.04 -20.51
CA ASN E 84 25.60 31.80 -19.88
C ASN E 84 25.40 33.17 -20.53
N GLY E 85 26.26 33.51 -21.49
CA GLY E 85 26.16 34.78 -22.17
C GLY E 85 26.19 35.98 -21.23
N MET E 86 27.14 35.98 -20.29
CA MET E 86 27.26 37.10 -19.37
C MET E 86 28.70 37.62 -19.36
N GLY E 87 29.53 37.05 -20.23
CA GLY E 87 30.91 37.49 -20.31
C GLY E 87 30.90 38.94 -20.77
N LYS E 88 31.55 39.81 -20.02
CA LYS E 88 31.58 41.24 -20.34
C LYS E 88 31.95 41.60 -21.77
N ASP E 89 32.58 40.68 -22.49
CA ASP E 89 32.98 40.96 -23.87
C ASP E 89 32.06 40.30 -24.90
N ASP E 90 31.06 39.59 -24.42
CA ASP E 90 30.12 38.91 -25.31
C ASP E 90 29.12 39.87 -25.96
N HIS E 91 28.69 39.54 -27.17
CA HIS E 91 27.72 40.35 -27.93
C HIS E 91 26.83 39.42 -28.74
N TYR E 92 25.52 39.61 -28.64
CA TYR E 92 24.59 38.76 -29.36
C TYR E 92 23.14 39.30 -29.28
N LEU E 93 22.23 38.63 -29.96
CA LEU E 93 20.83 39.04 -29.99
C LEU E 93 19.97 38.42 -28.89
N LEU E 94 19.21 39.28 -28.20
CA LEU E 94 18.30 38.86 -27.16
C LEU E 94 16.88 39.00 -27.71
N GLU E 95 15.98 38.12 -27.30
CA GLU E 95 14.60 38.19 -27.76
C GLU E 95 13.70 38.37 -26.54
N PHE E 96 12.62 39.13 -26.71
CA PHE E 96 11.69 39.38 -25.62
C PHE E 96 10.27 39.49 -26.20
N PRO E 97 9.26 38.95 -25.51
CA PRO E 97 7.88 39.01 -25.97
C PRO E 97 7.36 40.45 -26.14
N THR E 98 6.78 40.74 -27.29
CA THR E 98 6.22 42.06 -27.56
C THR E 98 4.82 41.88 -28.11
N PHE E 99 3.90 42.71 -27.63
CA PHE E 99 2.50 42.59 -28.01
C PHE E 99 1.91 43.84 -28.61
N PRO E 100 0.83 43.69 -29.39
CA PRO E 100 0.19 44.85 -30.01
C PRO E 100 -0.10 45.99 -29.05
N ASP E 101 -0.73 45.71 -27.91
CA ASP E 101 -1.03 46.75 -26.93
C ASP E 101 0.20 47.39 -26.27
N GLY E 102 1.39 46.87 -26.57
CA GLY E 102 2.61 47.42 -26.01
C GLY E 102 2.99 47.08 -24.57
N HIS E 103 2.09 46.43 -23.83
CA HIS E 103 2.37 46.10 -22.44
C HIS E 103 3.67 45.33 -22.20
N ASP E 104 4.27 45.55 -21.03
CA ASP E 104 5.52 44.92 -20.64
C ASP E 104 5.29 43.49 -20.16
N TYR E 105 6.08 42.57 -20.69
CA TYR E 105 5.95 41.17 -20.35
C TYR E 105 6.35 40.85 -18.90
N LYS E 106 5.56 40.06 -18.19
CA LYS E 106 5.93 39.70 -16.82
C LYS E 106 7.03 38.64 -16.84
N PHE E 107 8.24 39.08 -17.17
CA PHE E 107 9.42 38.21 -17.27
C PHE E 107 9.75 37.39 -16.02
N ASP E 108 9.30 37.84 -14.86
CA ASP E 108 9.56 37.09 -13.64
C ASP E 108 8.50 36.05 -13.37
N SER E 109 7.34 36.20 -14.02
CA SER E 109 6.24 35.25 -13.81
C SER E 109 6.69 33.83 -14.13
N LYS E 110 6.41 32.91 -13.22
CA LYS E 110 6.77 31.52 -13.44
C LYS E 110 5.55 30.62 -13.25
N LYS E 111 5.47 29.59 -14.08
CA LYS E 111 4.37 28.62 -14.09
C LYS E 111 3.16 28.94 -13.17
N PRO E 112 2.04 29.39 -13.78
CA PRO E 112 1.99 29.58 -15.23
C PRO E 112 2.64 30.90 -15.63
N LYS E 113 3.72 30.83 -16.40
CA LYS E 113 4.36 32.04 -16.84
C LYS E 113 3.36 32.72 -17.76
N GLU E 114 3.55 34.00 -18.04
CA GLU E 114 2.63 34.68 -18.94
C GLU E 114 2.85 34.18 -20.37
N ASP E 115 1.77 33.91 -21.07
CA ASP E 115 1.82 33.45 -22.44
C ASP E 115 2.53 34.55 -23.24
N PRO E 116 3.69 34.22 -23.86
CA PRO E 116 4.50 35.16 -24.65
C PRO E 116 3.99 35.61 -26.00
N GLY E 117 2.95 34.96 -26.50
CA GLY E 117 2.43 35.32 -27.81
C GLY E 117 3.45 34.94 -28.87
N PRO E 118 3.17 35.21 -30.14
CA PRO E 118 3.98 34.92 -31.32
C PRO E 118 5.10 35.92 -31.67
N ALA E 119 5.00 37.14 -31.17
CA ALA E 119 5.98 38.18 -31.49
C ALA E 119 7.07 38.45 -30.44
N ARG E 120 8.22 38.92 -30.93
CA ARG E 120 9.35 39.24 -30.08
C ARG E 120 10.09 40.48 -30.59
N VAL E 121 10.47 41.35 -29.66
CA VAL E 121 11.26 42.50 -30.07
C VAL E 121 12.67 41.90 -29.99
N ILE E 122 13.51 42.20 -30.97
CA ILE E 122 14.88 41.70 -30.98
C ILE E 122 15.83 42.86 -30.74
N TYR E 123 16.64 42.76 -29.69
CA TYR E 123 17.62 43.82 -29.37
C TYR E 123 18.97 43.23 -29.03
N THR E 124 19.98 44.09 -28.95
CA THR E 124 21.34 43.65 -28.67
C THR E 124 21.81 43.64 -27.22
N TYR E 125 22.66 42.68 -26.92
CA TYR E 125 23.29 42.57 -25.61
C TYR E 125 24.70 43.04 -25.92
N PRO E 126 25.24 43.96 -25.11
CA PRO E 126 24.57 44.52 -23.93
C PRO E 126 23.97 45.91 -24.12
N ASN E 127 24.28 46.55 -25.25
CA ASN E 127 23.80 47.92 -25.51
C ASN E 127 22.31 48.08 -25.77
N LYS E 128 21.58 46.96 -25.90
CA LYS E 128 20.13 46.99 -26.16
C LYS E 128 19.76 47.82 -27.38
N VAL E 129 20.43 47.59 -28.50
CA VAL E 129 20.12 48.30 -29.73
C VAL E 129 19.01 47.57 -30.47
N PHE E 130 17.97 48.31 -30.83
CA PHE E 130 16.84 47.73 -31.54
C PHE E 130 17.21 47.15 -32.90
N CYS E 131 16.86 45.89 -33.12
CA CYS E 131 17.13 45.23 -34.38
C CYS E 131 15.85 45.11 -35.18
N GLY E 132 14.78 44.70 -34.52
CA GLY E 132 13.52 44.56 -35.21
C GLY E 132 12.53 43.71 -34.47
N ILE E 133 11.36 43.53 -35.09
CA ILE E 133 10.31 42.71 -34.56
C ILE E 133 10.12 41.51 -35.49
N VAL E 134 10.04 40.32 -34.88
CA VAL E 134 9.85 39.08 -35.61
C VAL E 134 8.66 38.36 -34.96
N ALA E 135 8.20 37.29 -35.58
CA ALA E 135 7.09 36.54 -35.03
C ALA E 135 7.07 35.14 -35.61
N HIS E 136 6.59 34.19 -34.82
CA HIS E 136 6.50 32.82 -35.25
C HIS E 136 5.48 32.75 -36.37
N GLN E 137 5.73 31.86 -37.32
CA GLN E 137 4.86 31.70 -38.47
C GLN E 137 3.55 31.05 -38.05
N ARG E 138 3.64 30.09 -37.15
CA ARG E 138 2.45 29.36 -36.70
C ARG E 138 2.42 29.23 -35.17
N GLY E 139 1.35 29.69 -34.56
CA GLY E 139 1.27 29.60 -33.11
C GLY E 139 2.36 30.44 -32.45
N ASN E 140 2.83 30.00 -31.29
CA ASN E 140 3.88 30.72 -30.58
C ASN E 140 5.18 29.91 -30.60
N GLN E 141 5.41 29.15 -31.66
CA GLN E 141 6.63 28.37 -31.74
C GLN E 141 6.94 27.98 -33.18
N GLY E 142 8.15 27.49 -33.43
CA GLY E 142 8.53 27.13 -34.77
C GLY E 142 9.47 28.18 -35.31
N ASP E 143 9.38 28.46 -36.61
CA ASP E 143 10.25 29.45 -37.24
C ASP E 143 9.81 30.91 -37.13
N LEU E 144 10.75 31.75 -36.69
CA LEU E 144 10.53 33.18 -36.51
C LEU E 144 10.89 33.96 -37.76
N ARG E 145 9.97 34.77 -38.27
CA ARG E 145 10.26 35.56 -39.44
C ARG E 145 10.12 37.06 -39.18
N LEU E 146 10.91 37.84 -39.90
CA LEU E 146 10.90 39.27 -39.75
C LEU E 146 9.57 39.86 -40.21
N CYS E 147 9.03 40.77 -39.40
CA CYS E 147 7.79 41.44 -39.73
C CYS E 147 8.16 42.63 -40.63
N SER E 148 7.20 43.18 -41.34
CA SER E 148 7.47 44.32 -42.20
C SER E 148 7.02 45.61 -41.53
N HIS E 149 7.49 46.73 -42.06
CA HIS E 149 7.14 48.04 -41.51
C HIS E 149 7.35 49.15 -42.53
K K F . -7.60 -15.79 10.72
K K G . -8.89 -10.26 8.33
K K H . 7.96 16.48 -10.66
K K I . 9.33 12.92 -5.87
K K J . 20.46 29.03 -21.04
#